data_5WM7
#
_entry.id   5WM7
#
_cell.length_a   121.916
_cell.length_b   121.916
_cell.length_c   87.996
_cell.angle_alpha   90.000
_cell.angle_beta   90.000
_cell.angle_gamma   120.000
#
_symmetry.space_group_name_H-M   'P 32 2 1'
#
loop_
_entity.id
_entity.type
_entity.pdbx_description
1 polymer 'Salicylate-AMP ligase'
2 non-polymer 'ADENOSINE MONOPHOSPHATE'
3 non-polymer GLYCEROL
4 non-polymer 'ACETATE ION'
5 water water
#
_entity_poly.entity_id   1
_entity_poly.type   'polypeptide(L)'
_entity_poly.pdbx_seq_one_letter_code
;MGSSHHHHHHSSGLVPRGSHMLDGWVPWPESFARRYRAAGYWEGRPLDRLLRERAAADPDRIALVDAAGDRWTYAELDRH
ADRQAAGLRRLGIGAGDRVVVQLPNTDAFVVLFFALLRAGAVPVLTLPAHRESEIVHVAETAGATAYVIPDVLDGFDHRA
LARAARKAVPSIEHVLVAGEAAEFTALADVDAAPVPLAEPDPGDVALLLLSGGTTGKPKLIPRTHDDYTYNVRASAEVCG
FDSDTVYLVVLPTAHNFALACPGLLGTLMVGGTVVLAPTPSPEDAFELIEREKVTATAVVPPVALLWLDAVEWEDADLSS
LRLLQVGGSKLGAEPAARVRPALGCTLQQVFGMAEGLLNYTRLDDPSDLVIQTQGRPLSPDDEIRVVDEDGRDVAPGETG
ELLTRGPYTLRGYYRAPEHNARTFSDDGFYRTGDLVRVLPSGHLVVEGRAKDQINRGGDKISAEELENHIMAHPGVHDAA
VVGMPDATMGERTCACLVPRAGRSAPAQRELAAFLTDRGVAAYKLPDRVEVMDAFPRTSVGKTDKKELGRRIAGQLRTED
GGVH
;
_entity_poly.pdbx_strand_id   A
#
# COMPACT_ATOMS: atom_id res chain seq x y z
N SER A 19 -5.35 26.73 -7.90
CA SER A 19 -4.30 26.36 -8.84
C SER A 19 -3.35 25.33 -8.24
N HIS A 20 -3.12 24.23 -8.97
CA HIS A 20 -2.33 23.11 -8.47
C HIS A 20 -1.30 22.70 -9.50
N MET A 21 -0.15 22.21 -9.01
CA MET A 21 0.91 21.72 -9.89
C MET A 21 0.41 20.60 -10.79
N LEU A 22 -0.56 19.83 -10.33
CA LEU A 22 -1.02 18.63 -11.02
C LEU A 22 -2.50 18.74 -11.35
N ASP A 23 -2.86 18.35 -12.56
CA ASP A 23 -4.25 18.14 -12.88
C ASP A 23 -4.63 16.67 -12.69
N GLY A 24 -5.91 16.37 -12.86
CA GLY A 24 -6.40 15.01 -12.84
C GLY A 24 -6.89 14.50 -11.51
N TRP A 25 -6.84 15.30 -10.45
CA TRP A 25 -7.32 14.86 -9.15
C TRP A 25 -8.41 15.81 -8.66
N VAL A 26 -9.00 15.47 -7.52
CA VAL A 26 -10.18 16.12 -6.99
C VAL A 26 -9.86 16.69 -5.61
N PRO A 27 -9.61 17.99 -5.52
CA PRO A 27 -9.31 18.60 -4.21
C PRO A 27 -10.53 18.63 -3.30
N TRP A 28 -10.26 18.76 -2.01
CA TRP A 28 -11.33 18.89 -1.02
C TRP A 28 -12.09 20.20 -1.23
N PRO A 29 -13.41 20.21 -0.97
CA PRO A 29 -14.14 21.49 -1.00
C PRO A 29 -13.53 22.45 0.01
N GLU A 30 -13.56 23.74 -0.34
CA GLU A 30 -12.88 24.75 0.47
C GLU A 30 -13.34 24.72 1.93
N SER A 31 -14.64 24.50 2.16
CA SER A 31 -15.16 24.50 3.52
C SER A 31 -14.46 23.44 4.37
N PHE A 32 -14.24 22.24 3.82
CA PHE A 32 -13.54 21.18 4.55
C PHE A 32 -12.10 21.57 4.81
N ALA A 33 -11.41 22.04 3.77
CA ALA A 33 -10.01 22.41 3.92
C ALA A 33 -9.81 23.44 5.01
N ARG A 34 -10.73 24.40 5.12
CA ARG A 34 -10.64 25.41 6.17
C ARG A 34 -10.72 24.78 7.55
N ARG A 35 -11.66 23.85 7.75
CA ARG A 35 -11.80 23.18 9.03
C ARG A 35 -10.56 22.36 9.39
N TYR A 36 -10.02 21.63 8.42
CA TYR A 36 -8.86 20.78 8.69
C TYR A 36 -7.63 21.62 8.98
N ARG A 37 -7.50 22.76 8.32
CA ARG A 37 -6.43 23.69 8.67
C ARG A 37 -6.65 24.29 10.05
N ALA A 38 -7.89 24.66 10.34
CA ALA A 38 -8.20 25.24 11.64
C ALA A 38 -8.01 24.23 12.76
N ALA A 39 -8.37 22.97 12.52
CA ALA A 39 -8.24 21.94 13.53
C ALA A 39 -6.79 21.50 13.77
N GLY A 40 -5.84 22.03 13.01
CA GLY A 40 -4.44 21.65 13.14
C GLY A 40 -4.03 20.39 12.41
N TYR A 41 -4.94 19.75 11.66
CA TYR A 41 -4.59 18.55 10.90
C TYR A 41 -3.62 18.88 9.78
N TRP A 42 -3.97 19.88 8.98
CA TRP A 42 -3.19 20.30 7.82
C TRP A 42 -2.30 21.44 8.25
N GLU A 43 -1.03 21.14 8.52
CA GLU A 43 -0.12 22.08 9.14
C GLU A 43 0.65 22.93 8.13
N GLY A 44 0.49 22.69 6.83
CA GLY A 44 1.10 23.55 5.83
C GLY A 44 2.58 23.33 5.59
N ARG A 45 3.06 22.10 5.75
CA ARG A 45 4.46 21.81 5.52
C ARG A 45 4.62 20.72 4.46
N PRO A 46 5.56 20.88 3.52
CA PRO A 46 5.80 19.81 2.55
C PRO A 46 6.27 18.52 3.23
N LEU A 47 5.96 17.40 2.58
CA LEU A 47 6.20 16.10 3.20
C LEU A 47 7.67 15.93 3.57
N ASP A 48 8.57 16.42 2.72
CA ASP A 48 9.99 16.27 2.96
C ASP A 48 10.48 17.02 4.20
N ARG A 49 9.67 17.93 4.74
CA ARG A 49 10.10 18.68 5.92
C ARG A 49 10.21 17.82 7.17
N LEU A 50 9.52 16.68 7.24
CA LEU A 50 9.65 15.86 8.43
C LEU A 50 11.07 15.34 8.59
N LEU A 51 11.78 15.15 7.49
CA LEU A 51 13.19 14.78 7.54
C LEU A 51 14.06 16.00 7.85
N ARG A 52 13.85 17.08 7.10
CA ARG A 52 14.58 18.32 7.33
C ARG A 52 14.53 18.75 8.79
N GLU A 53 13.32 18.80 9.36
CA GLU A 53 13.14 19.24 10.74
C GLU A 53 13.83 18.30 11.73
N ARG A 54 13.72 16.99 11.52
CA ARG A 54 14.32 16.05 12.46
C ARG A 54 15.85 16.07 12.38
N ALA A 55 16.40 16.15 11.18
CA ALA A 55 17.85 16.27 11.03
C ALA A 55 18.39 17.58 11.57
N ALA A 56 17.55 18.61 11.72
CA ALA A 56 17.98 19.84 12.37
C ALA A 56 17.98 19.69 13.89
N ALA A 57 17.03 18.95 14.43
CA ALA A 57 16.95 18.79 15.88
C ALA A 57 17.86 17.69 16.38
N ASP A 58 18.04 16.62 15.61
CA ASP A 58 18.76 15.42 16.04
C ASP A 58 19.67 14.92 14.91
N PRO A 59 20.63 15.73 14.48
CA PRO A 59 21.39 15.36 13.28
C PRO A 59 22.18 14.07 13.43
N ASP A 60 22.62 13.74 14.63
CA ASP A 60 23.53 12.63 14.83
C ASP A 60 22.85 11.34 15.29
N ARG A 61 21.54 11.33 15.42
CA ARG A 61 20.81 10.10 15.74
C ARG A 61 20.80 9.17 14.53
N ILE A 62 20.78 7.86 14.81
CA ILE A 62 20.77 6.85 13.77
C ILE A 62 19.37 6.77 13.18
N ALA A 63 19.23 7.20 11.93
CA ALA A 63 17.95 7.26 11.25
C ALA A 63 17.57 5.94 10.59
N LEU A 64 18.53 5.26 9.99
CA LEU A 64 18.23 4.17 9.09
C LEU A 64 19.34 3.13 9.18
N VAL A 65 18.94 1.86 9.25
CA VAL A 65 19.84 0.71 9.22
C VAL A 65 19.32 -0.26 8.15
N ASP A 66 20.21 -0.74 7.29
CA ASP A 66 19.83 -1.74 6.31
C ASP A 66 20.17 -3.13 6.82
N ALA A 67 19.86 -4.14 6.00
CA ALA A 67 19.95 -5.52 6.47
C ALA A 67 21.40 -5.96 6.68
N ALA A 68 22.36 -5.37 5.98
CA ALA A 68 23.76 -5.70 6.15
C ALA A 68 24.37 -5.11 7.41
N GLY A 69 23.68 -4.20 8.10
CA GLY A 69 24.22 -3.54 9.26
C GLY A 69 24.78 -2.15 9.02
N ASP A 70 24.76 -1.65 7.79
CA ASP A 70 25.16 -0.29 7.52
C ASP A 70 24.09 0.70 8.02
N ARG A 71 24.53 1.81 8.61
CA ARG A 71 23.57 2.75 9.16
C ARG A 71 23.94 4.18 8.80
N TRP A 72 22.94 5.06 8.87
CA TRP A 72 23.06 6.46 8.48
C TRP A 72 22.38 7.35 9.51
N THR A 73 23.01 8.46 9.83
CA THR A 73 22.42 9.42 10.73
C THR A 73 21.35 10.24 10.00
N TYR A 74 20.57 10.98 10.78
CA TYR A 74 19.60 11.89 10.18
C TYR A 74 20.30 12.93 9.31
N ALA A 75 21.44 13.46 9.78
CA ALA A 75 22.14 14.46 8.99
C ALA A 75 22.68 13.88 7.69
N GLU A 76 23.12 12.63 7.71
CA GLU A 76 23.61 11.99 6.50
C GLU A 76 22.48 11.75 5.51
N LEU A 77 21.36 11.17 5.98
CA LEU A 77 20.15 11.02 5.17
C LEU A 77 19.72 12.34 4.54
N ASP A 78 19.68 13.41 5.35
CA ASP A 78 19.20 14.69 4.87
C ASP A 78 20.11 15.24 3.77
N ARG A 79 21.42 15.14 3.98
CA ARG A 79 22.39 15.61 2.99
C ARG A 79 22.30 14.82 1.69
N HIS A 80 22.22 13.49 1.80
CA HIS A 80 22.19 12.64 0.61
C HIS A 80 20.92 12.87 -0.21
N ALA A 81 19.79 13.10 0.47
CA ALA A 81 18.56 13.46 -0.23
C ALA A 81 18.73 14.78 -0.97
N ASP A 82 19.49 15.72 -0.40
CA ASP A 82 19.76 16.98 -1.09
C ASP A 82 20.65 16.79 -2.31
N ARG A 83 21.64 15.90 -2.21
CA ARG A 83 22.53 15.67 -3.35
C ARG A 83 21.81 14.94 -4.46
N GLN A 84 20.96 13.99 -4.12
CA GLN A 84 20.25 13.25 -5.14
C GLN A 84 19.16 14.12 -5.79
N ALA A 85 18.55 15.01 -5.01
CA ALA A 85 17.61 15.97 -5.58
C ALA A 85 18.30 16.86 -6.61
N ALA A 86 19.48 17.37 -6.26
CA ALA A 86 20.27 18.15 -7.20
C ALA A 86 20.63 17.34 -8.44
N GLY A 87 20.96 16.06 -8.26
CA GLY A 87 21.24 15.21 -9.41
C GLY A 87 20.03 14.92 -10.25
N LEU A 88 18.86 14.82 -9.62
CA LEU A 88 17.62 14.61 -10.37
C LEU A 88 17.31 15.82 -11.25
N ARG A 89 17.59 17.01 -10.75
CA ARG A 89 17.32 18.21 -11.52
C ARG A 89 18.28 18.35 -12.68
N ARG A 90 19.53 17.89 -12.52
CA ARG A 90 20.46 17.89 -13.63
C ARG A 90 19.96 17.03 -14.78
N LEU A 91 19.24 15.95 -14.47
CA LEU A 91 18.65 15.07 -15.46
C LEU A 91 17.35 15.60 -16.05
N GLY A 92 16.84 16.72 -15.56
CA GLY A 92 15.58 17.25 -16.03
C GLY A 92 14.36 16.71 -15.32
N ILE A 93 14.52 16.09 -14.16
CA ILE A 93 13.42 15.48 -13.42
C ILE A 93 13.09 16.37 -12.24
N GLY A 94 11.87 16.90 -12.22
CA GLY A 94 11.42 17.66 -11.07
C GLY A 94 10.12 18.37 -11.38
N ALA A 95 9.78 19.31 -10.52
CA ALA A 95 8.70 20.28 -10.73
C ALA A 95 7.48 19.67 -11.40
N GLY A 96 6.87 18.71 -10.69
CA GLY A 96 5.61 18.13 -11.11
C GLY A 96 5.70 16.86 -11.93
N ASP A 97 6.90 16.44 -12.33
CA ASP A 97 7.06 15.23 -13.11
C ASP A 97 6.75 14.02 -12.25
N ARG A 98 6.02 13.07 -12.83
CA ARG A 98 5.69 11.83 -12.15
C ARG A 98 6.76 10.78 -12.44
N VAL A 99 7.19 10.09 -11.40
CA VAL A 99 8.29 9.12 -11.48
C VAL A 99 7.82 7.81 -10.86
N VAL A 100 7.83 6.73 -11.63
CA VAL A 100 7.45 5.42 -11.13
C VAL A 100 8.65 4.83 -10.39
N VAL A 101 8.45 4.47 -9.13
CA VAL A 101 9.48 3.94 -8.28
C VAL A 101 9.12 2.49 -7.96
N GLN A 102 10.02 1.57 -8.29
CA GLN A 102 9.83 0.15 -8.00
C GLN A 102 11.14 -0.34 -7.37
N LEU A 103 11.23 -0.27 -6.05
CA LEU A 103 12.46 -0.59 -5.34
C LEU A 103 12.20 -1.50 -4.16
N PRO A 104 13.19 -2.28 -3.76
CA PRO A 104 13.04 -3.14 -2.59
C PRO A 104 13.36 -2.42 -1.28
N ASN A 105 13.34 -3.14 -0.17
CA ASN A 105 13.57 -2.54 1.15
C ASN A 105 15.06 -2.29 1.33
N THR A 106 15.53 -1.21 0.71
CA THR A 106 16.92 -0.79 0.78
C THR A 106 16.98 0.69 1.07
N ASP A 107 18.13 1.13 1.58
CA ASP A 107 18.37 2.55 1.81
C ASP A 107 18.20 3.37 0.54
N ALA A 108 18.36 2.76 -0.64
CA ALA A 108 18.22 3.49 -1.88
C ALA A 108 16.82 4.06 -2.03
N PHE A 109 15.80 3.29 -1.64
CA PHE A 109 14.43 3.78 -1.70
C PHE A 109 14.24 5.00 -0.81
N VAL A 110 14.82 4.98 0.39
CA VAL A 110 14.54 6.03 1.36
C VAL A 110 15.14 7.35 0.91
N VAL A 111 16.41 7.34 0.50
CA VAL A 111 17.04 8.56 0.01
C VAL A 111 16.34 9.07 -1.25
N LEU A 112 15.94 8.17 -2.15
CA LEU A 112 15.31 8.61 -3.38
C LEU A 112 13.94 9.23 -3.11
N PHE A 113 13.18 8.67 -2.17
CA PHE A 113 11.86 9.20 -1.83
C PHE A 113 11.95 10.69 -1.48
N PHE A 114 12.86 11.06 -0.59
CA PHE A 114 12.98 12.46 -0.19
C PHE A 114 13.63 13.30 -1.27
N ALA A 115 14.58 12.73 -2.03
CA ALA A 115 15.18 13.47 -3.13
C ALA A 115 14.15 13.83 -4.19
N LEU A 116 13.28 12.88 -4.53
CA LEU A 116 12.19 13.16 -5.47
C LEU A 116 11.28 14.26 -4.94
N LEU A 117 10.91 14.18 -3.65
CA LEU A 117 10.08 15.22 -3.05
C LEU A 117 10.75 16.59 -3.13
N ARG A 118 12.05 16.65 -2.84
CA ARG A 118 12.72 17.93 -2.81
C ARG A 118 13.02 18.47 -4.20
N ALA A 119 13.02 17.61 -5.21
CA ALA A 119 13.14 18.06 -6.59
C ALA A 119 11.82 18.58 -7.14
N GLY A 120 10.72 18.39 -6.42
CA GLY A 120 9.41 18.74 -6.92
C GLY A 120 8.71 17.64 -7.67
N ALA A 121 9.34 16.49 -7.84
CA ALA A 121 8.73 15.37 -8.54
C ALA A 121 7.75 14.64 -7.64
N VAL A 122 6.84 13.91 -8.26
CA VAL A 122 5.78 13.19 -7.56
C VAL A 122 6.07 11.70 -7.71
N PRO A 123 6.53 11.03 -6.65
CA PRO A 123 6.70 9.56 -6.72
C PRO A 123 5.38 8.86 -7.00
N VAL A 124 5.44 7.88 -7.90
CA VAL A 124 4.37 6.91 -8.12
C VAL A 124 4.88 5.56 -7.62
N LEU A 125 4.37 5.13 -6.48
CA LEU A 125 4.96 4.01 -5.75
C LEU A 125 4.36 2.70 -6.22
N THR A 126 5.19 1.81 -6.73
CA THR A 126 4.79 0.47 -7.12
C THR A 126 5.56 -0.56 -6.30
N LEU A 127 5.09 -1.75 -6.33
CA LEU A 127 5.69 -2.82 -5.57
C LEU A 127 6.62 -3.66 -6.44
N PRO A 128 7.66 -4.24 -5.84
CA PRO A 128 8.59 -5.11 -6.61
C PRO A 128 7.92 -6.26 -7.35
N ALA A 129 6.77 -6.74 -6.89
CA ALA A 129 6.07 -7.83 -7.56
C ALA A 129 5.38 -7.39 -8.84
N HIS A 130 5.23 -6.10 -9.08
CA HIS A 130 4.43 -5.65 -10.20
C HIS A 130 5.16 -5.88 -11.51
N ARG A 131 4.43 -6.23 -12.55
CA ARG A 131 5.05 -6.54 -13.82
C ARG A 131 4.52 -5.64 -14.92
N GLU A 132 4.70 -6.06 -16.19
CA GLU A 132 4.52 -5.14 -17.31
C GLU A 132 3.15 -4.50 -17.33
N SER A 133 2.09 -5.27 -17.07
CA SER A 133 0.76 -4.71 -17.21
C SER A 133 0.52 -3.60 -16.18
N GLU A 134 0.91 -3.84 -14.93
CA GLU A 134 0.74 -2.80 -13.91
C GLU A 134 1.63 -1.61 -14.19
N ILE A 135 2.90 -1.85 -14.52
CA ILE A 135 3.85 -0.76 -14.69
C ILE A 135 3.48 0.11 -15.88
N VAL A 136 3.14 -0.51 -17.00
CA VAL A 136 2.78 0.26 -18.19
C VAL A 136 1.54 1.10 -17.92
N HIS A 137 0.53 0.51 -17.27
CA HIS A 137 -0.70 1.26 -17.03
C HIS A 137 -0.46 2.48 -16.14
N VAL A 138 0.30 2.31 -15.06
CA VAL A 138 0.47 3.45 -14.16
C VAL A 138 1.47 4.46 -14.73
N ALA A 139 2.44 4.01 -15.53
CA ALA A 139 3.32 4.96 -16.20
C ALA A 139 2.54 5.75 -17.25
N GLU A 140 1.65 5.06 -17.96
CA GLU A 140 0.83 5.67 -18.99
C GLU A 140 -0.23 6.60 -18.39
N THR A 141 -0.86 6.19 -17.29
CA THR A 141 -1.83 7.06 -16.63
C THR A 141 -1.16 8.31 -16.07
N ALA A 142 -0.03 8.13 -15.40
CA ALA A 142 0.64 9.25 -14.76
C ALA A 142 1.35 10.15 -15.75
N GLY A 143 1.56 9.71 -16.98
CA GLY A 143 2.43 10.43 -17.88
C GLY A 143 3.86 10.46 -17.37
N ALA A 144 4.33 9.36 -16.79
CA ALA A 144 5.59 9.34 -16.09
C ALA A 144 6.75 9.63 -17.04
N THR A 145 7.73 10.39 -16.56
CA THR A 145 8.92 10.70 -17.34
C THR A 145 10.14 9.94 -16.90
N ALA A 146 10.06 9.18 -15.80
CA ALA A 146 11.18 8.39 -15.34
C ALA A 146 10.67 7.16 -14.62
N TYR A 147 11.56 6.19 -14.49
CA TYR A 147 11.22 4.89 -13.93
C TYR A 147 12.46 4.42 -13.18
N VAL A 148 12.29 4.07 -11.91
CA VAL A 148 13.40 3.68 -11.04
C VAL A 148 13.22 2.22 -10.67
N ILE A 149 14.27 1.43 -10.88
CA ILE A 149 14.19 -0.02 -10.75
C ILE A 149 15.44 -0.54 -10.06
N PRO A 150 15.38 -1.76 -9.52
CA PRO A 150 16.62 -2.51 -9.27
C PRO A 150 17.10 -3.13 -10.57
N ASP A 151 18.29 -3.75 -10.51
CA ASP A 151 18.73 -4.50 -11.69
C ASP A 151 18.08 -5.88 -11.67
N VAL A 152 18.46 -6.74 -10.74
CA VAL A 152 17.86 -8.06 -10.57
C VAL A 152 17.37 -8.19 -9.13
N LEU A 153 16.15 -8.70 -8.97
CA LEU A 153 15.51 -8.84 -7.66
C LEU A 153 14.66 -10.10 -7.66
N ASP A 154 14.94 -10.99 -6.71
CA ASP A 154 14.19 -12.24 -6.57
C ASP A 154 14.23 -13.09 -7.86
N GLY A 155 15.30 -12.96 -8.63
CA GLY A 155 15.45 -13.70 -9.86
C GLY A 155 14.94 -12.99 -11.09
N PHE A 156 14.29 -11.85 -10.94
CA PHE A 156 13.67 -11.14 -12.07
C PHE A 156 14.53 -9.95 -12.45
N ASP A 157 14.81 -9.83 -13.75
CA ASP A 157 15.57 -8.71 -14.28
C ASP A 157 14.58 -7.59 -14.61
N HIS A 158 14.52 -6.59 -13.73
CA HIS A 158 13.60 -5.46 -13.93
C HIS A 158 14.03 -4.57 -15.08
N ARG A 159 15.31 -4.61 -15.46
CA ARG A 159 15.79 -3.84 -16.60
C ARG A 159 15.10 -4.27 -17.89
N ALA A 160 14.86 -5.58 -18.05
CA ALA A 160 14.05 -6.02 -19.17
C ALA A 160 12.66 -5.40 -19.12
N LEU A 161 12.07 -5.36 -17.93
CA LEU A 161 10.75 -4.74 -17.78
C LEU A 161 10.80 -3.26 -18.11
N ALA A 162 11.89 -2.58 -17.74
CA ALA A 162 12.02 -1.16 -18.03
C ALA A 162 12.18 -0.91 -19.52
N ARG A 163 12.69 -1.89 -20.27
CA ARG A 163 12.77 -1.73 -21.72
C ARG A 163 11.41 -1.92 -22.36
N ALA A 164 10.63 -2.89 -21.87
CA ALA A 164 9.28 -3.05 -22.37
C ALA A 164 8.44 -1.82 -22.04
N ALA A 165 8.65 -1.24 -20.85
CA ALA A 165 7.88 -0.08 -20.43
C ALA A 165 8.17 1.13 -21.30
N ARG A 166 9.44 1.39 -21.60
CA ARG A 166 9.81 2.47 -22.49
C ARG A 166 9.28 2.26 -23.90
N LYS A 167 9.16 1.00 -24.33
CA LYS A 167 8.56 0.72 -25.62
C LYS A 167 7.10 1.15 -25.67
N ALA A 168 6.35 0.86 -24.61
CA ALA A 168 4.93 1.16 -24.58
C ALA A 168 4.61 2.57 -24.11
N VAL A 169 5.52 3.21 -23.37
CA VAL A 169 5.26 4.53 -22.82
C VAL A 169 6.37 5.46 -23.28
N PRO A 170 6.17 6.17 -24.40
CA PRO A 170 7.21 7.07 -24.90
C PRO A 170 7.60 8.17 -23.92
N SER A 171 6.74 8.54 -22.97
CA SER A 171 7.07 9.66 -22.08
C SER A 171 8.22 9.34 -21.13
N ILE A 172 8.52 8.07 -20.90
CA ILE A 172 9.63 7.67 -20.02
C ILE A 172 10.95 8.02 -20.70
N GLU A 173 11.63 9.04 -20.19
CA GLU A 173 12.90 9.47 -20.75
C GLU A 173 14.10 8.99 -19.97
N HIS A 174 13.93 8.57 -18.73
CA HIS A 174 15.04 8.17 -17.91
C HIS A 174 14.68 6.93 -17.12
N VAL A 175 15.60 5.98 -17.09
CA VAL A 175 15.50 4.82 -16.23
C VAL A 175 16.70 4.85 -15.29
N LEU A 176 16.43 4.85 -13.99
CA LEU A 176 17.47 4.87 -12.98
C LEU A 176 17.51 3.50 -12.33
N VAL A 177 18.68 2.87 -12.30
CA VAL A 177 18.84 1.51 -11.85
C VAL A 177 19.66 1.50 -10.58
N ALA A 178 19.07 0.95 -9.51
CA ALA A 178 19.80 0.65 -8.27
C ALA A 178 20.58 -0.64 -8.48
N GLY A 179 21.75 -0.49 -9.08
CA GLY A 179 22.61 -1.61 -9.41
C GLY A 179 23.32 -1.39 -10.73
N GLU A 180 23.58 -2.47 -11.44
CA GLU A 180 24.22 -2.41 -12.75
C GLU A 180 23.24 -1.80 -13.75
N ALA A 181 23.49 -0.57 -14.17
CA ALA A 181 22.48 0.16 -14.92
C ALA A 181 22.36 -0.25 -16.38
N ALA A 182 23.32 -1.01 -16.92
CA ALA A 182 23.28 -1.45 -18.31
C ALA A 182 23.30 -0.18 -19.17
N GLU A 183 22.40 -0.03 -20.13
CA GLU A 183 22.43 1.16 -20.96
C GLU A 183 21.73 2.36 -20.32
N PHE A 184 21.24 2.23 -19.09
CA PHE A 184 20.44 3.23 -18.42
C PHE A 184 21.32 4.04 -17.47
N THR A 185 20.70 4.73 -16.51
CA THR A 185 21.40 5.57 -15.56
C THR A 185 21.50 4.85 -14.22
N ALA A 186 22.67 4.88 -13.60
CA ALA A 186 22.87 4.30 -12.28
C ALA A 186 22.36 5.27 -11.23
N LEU A 187 21.44 4.78 -10.39
CA LEU A 187 20.89 5.63 -9.34
C LEU A 187 21.97 6.27 -8.48
N ALA A 188 23.10 5.57 -8.29
CA ALA A 188 24.17 6.12 -7.48
C ALA A 188 24.89 7.29 -8.15
N ASP A 189 24.84 7.39 -9.47
CA ASP A 189 25.43 8.54 -10.13
C ASP A 189 24.53 9.77 -10.12
N VAL A 190 23.26 9.63 -9.77
CA VAL A 190 22.37 10.76 -9.61
C VAL A 190 22.75 11.48 -8.32
N ASP A 191 23.70 12.38 -8.43
CA ASP A 191 24.32 13.05 -7.29
C ASP A 191 24.96 14.34 -7.79
N ALA A 192 24.82 15.41 -7.01
CA ALA A 192 25.33 16.71 -7.40
C ALA A 192 25.35 17.61 -6.17
N ALA A 193 26.06 18.72 -6.31
CA ALA A 193 26.15 19.68 -5.22
C ALA A 193 24.77 20.26 -4.94
N PRO A 194 24.30 20.24 -3.69
CA PRO A 194 22.97 20.77 -3.37
C PRO A 194 22.73 22.16 -3.92
N VAL A 195 21.49 22.41 -4.31
CA VAL A 195 21.07 23.64 -4.98
C VAL A 195 19.81 24.15 -4.31
N PRO A 196 19.61 25.47 -4.21
CA PRO A 196 18.34 26.00 -3.72
C PRO A 196 17.15 25.51 -4.55
N LEU A 197 16.21 24.86 -3.86
CA LEU A 197 15.02 24.31 -4.48
C LEU A 197 13.80 24.83 -3.73
N ALA A 198 12.81 25.33 -4.47
CA ALA A 198 11.62 25.88 -3.84
C ALA A 198 10.79 24.78 -3.21
N GLU A 199 10.01 25.15 -2.20
CA GLU A 199 9.12 24.17 -1.60
C GLU A 199 7.83 24.03 -2.40
N PRO A 200 7.21 22.87 -2.37
CA PRO A 200 5.91 22.71 -3.01
C PRO A 200 4.82 23.29 -2.12
N ASP A 201 3.69 23.59 -2.75
CA ASP A 201 2.52 23.97 -2.00
C ASP A 201 2.01 22.77 -1.21
N PRO A 202 1.82 22.87 0.10
CA PRO A 202 1.45 21.69 0.89
C PRO A 202 0.07 21.16 0.55
N GLY A 203 -0.76 21.93 -0.15
CA GLY A 203 -2.02 21.45 -0.64
C GLY A 203 -1.95 20.70 -1.95
N ASP A 204 -0.78 20.65 -2.57
CA ASP A 204 -0.57 19.93 -3.81
C ASP A 204 -0.37 18.44 -3.54
N VAL A 205 -0.59 17.64 -4.59
CA VAL A 205 -0.31 16.20 -4.51
C VAL A 205 1.17 15.99 -4.21
N ALA A 206 1.46 15.17 -3.20
CA ALA A 206 2.83 14.82 -2.84
C ALA A 206 3.28 13.51 -3.50
N LEU A 207 2.38 12.54 -3.60
CA LEU A 207 2.72 11.24 -4.14
C LEU A 207 1.44 10.56 -4.61
N LEU A 208 1.61 9.53 -5.44
CA LEU A 208 0.53 8.73 -5.98
C LEU A 208 0.73 7.29 -5.52
N LEU A 209 -0.24 6.75 -4.79
CA LEU A 209 -0.22 5.38 -4.31
C LEU A 209 -1.04 4.50 -5.24
N LEU A 210 -0.74 3.21 -5.21
CA LEU A 210 -1.51 2.21 -5.92
C LEU A 210 -2.62 1.68 -5.05
N SER A 211 -3.79 1.54 -5.62
CA SER A 211 -4.82 0.69 -5.06
C SER A 211 -4.92 -0.55 -5.93
N GLY A 212 -5.07 -1.71 -5.30
CA GLY A 212 -5.46 -2.90 -6.06
C GLY A 212 -6.70 -2.62 -6.87
N GLY A 213 -7.66 -1.96 -6.28
CA GLY A 213 -8.79 -1.50 -7.04
C GLY A 213 -9.81 -2.58 -7.31
N THR A 214 -10.84 -2.18 -8.05
CA THR A 214 -12.00 -3.02 -8.30
C THR A 214 -12.46 -2.91 -9.76
N THR A 215 -11.69 -2.25 -10.61
CA THR A 215 -12.06 -2.05 -11.99
C THR A 215 -11.06 -2.79 -12.90
N GLY A 216 -11.13 -2.53 -14.19
CA GLY A 216 -10.31 -3.25 -15.15
C GLY A 216 -8.86 -2.80 -15.22
N LYS A 217 -8.46 -1.76 -14.48
CA LYS A 217 -7.10 -1.24 -14.50
C LYS A 217 -6.80 -0.72 -13.11
N PRO A 218 -5.56 -0.86 -12.63
CA PRO A 218 -5.20 -0.28 -11.33
C PRO A 218 -5.50 1.21 -11.29
N LYS A 219 -5.64 1.73 -10.07
CA LYS A 219 -6.07 3.10 -9.86
C LYS A 219 -5.07 3.82 -8.97
N LEU A 220 -4.75 5.06 -9.34
CA LEU A 220 -3.78 5.85 -8.59
C LEU A 220 -4.50 6.75 -7.59
N ILE A 221 -3.93 6.83 -6.39
CA ILE A 221 -4.48 7.55 -5.24
C ILE A 221 -3.61 8.78 -5.01
N PRO A 222 -4.12 9.99 -5.23
CA PRO A 222 -3.33 11.19 -4.92
C PRO A 222 -3.38 11.46 -3.43
N ARG A 223 -2.22 11.62 -2.82
CA ARG A 223 -2.11 12.02 -1.43
C ARG A 223 -1.32 13.33 -1.38
N THR A 224 -1.87 14.34 -0.72
CA THR A 224 -1.26 15.66 -0.63
C THR A 224 -0.26 15.71 0.52
N HIS A 225 0.59 16.75 0.50
CA HIS A 225 1.55 16.94 1.58
C HIS A 225 0.85 17.07 2.93
N ASP A 226 -0.23 17.87 2.96
CA ASP A 226 -0.92 18.13 4.22
C ASP A 226 -1.60 16.89 4.74
N ASP A 227 -2.27 16.12 3.87
CA ASP A 227 -3.04 15.00 4.38
C ASP A 227 -2.15 13.80 4.69
N TYR A 228 -1.05 13.64 3.95
CA TYR A 228 -0.14 12.53 4.24
C TYR A 228 0.73 12.82 5.46
N THR A 229 1.18 14.06 5.64
CA THR A 229 1.84 14.42 6.89
C THR A 229 0.94 14.17 8.09
N TYR A 230 -0.35 14.49 7.98
CA TYR A 230 -1.29 14.25 9.08
C TYR A 230 -1.44 12.76 9.34
N ASN A 231 -1.66 11.99 8.28
CA ASN A 231 -1.66 10.54 8.36
C ASN A 231 -0.48 10.03 9.20
N VAL A 232 0.73 10.47 8.85
CA VAL A 232 1.96 10.06 9.53
C VAL A 232 1.98 10.57 10.97
N ARG A 233 1.67 11.86 11.17
CA ARG A 233 1.81 12.46 12.50
C ARG A 233 0.79 11.88 13.47
N ALA A 234 -0.47 11.78 13.05
CA ALA A 234 -1.53 11.28 13.91
C ALA A 234 -1.34 9.80 14.21
N SER A 235 -0.92 9.01 13.22
N SER A 235 -0.94 9.01 13.21
CA SER A 235 -0.67 7.59 13.48
CA SER A 235 -0.64 7.59 13.44
C SER A 235 0.50 7.38 14.41
C SER A 235 0.48 7.42 14.44
N ALA A 236 1.55 8.20 14.28
CA ALA A 236 2.67 8.11 15.22
C ALA A 236 2.22 8.37 16.64
N GLU A 237 1.33 9.35 16.83
CA GLU A 237 0.81 9.64 18.16
C GLU A 237 -0.02 8.49 18.72
N VAL A 238 -0.88 7.88 17.91
CA VAL A 238 -1.75 6.81 18.39
C VAL A 238 -0.95 5.56 18.72
N CYS A 239 0.10 5.27 17.94
CA CYS A 239 0.93 4.09 18.15
C CYS A 239 2.09 4.33 19.11
N GLY A 240 2.20 5.51 19.69
CA GLY A 240 3.27 5.76 20.63
C GLY A 240 4.66 5.75 20.05
N PHE A 241 4.79 6.09 18.78
CA PHE A 241 6.11 6.15 18.16
C PHE A 241 6.89 7.34 18.72
N ASP A 242 8.14 7.11 19.08
CA ASP A 242 8.97 8.12 19.70
C ASP A 242 10.42 7.94 19.24
N SER A 243 11.31 8.77 19.78
CA SER A 243 12.72 8.69 19.43
C SER A 243 13.37 7.39 19.91
N ASP A 244 12.75 6.68 20.85
CA ASP A 244 13.20 5.35 21.25
C ASP A 244 12.52 4.23 20.46
N THR A 245 11.80 4.55 19.41
CA THR A 245 11.19 3.51 18.60
C THR A 245 12.20 2.99 17.59
N VAL A 246 12.29 1.67 17.46
CA VAL A 246 13.07 1.01 16.41
C VAL A 246 12.08 0.22 15.58
N TYR A 247 11.82 0.69 14.37
CA TYR A 247 10.75 0.16 13.54
C TYR A 247 11.35 -0.70 12.44
N LEU A 248 10.90 -1.94 12.35
CA LEU A 248 11.37 -2.86 11.32
C LEU A 248 10.41 -2.84 10.14
N VAL A 249 10.92 -2.52 8.96
CA VAL A 249 10.12 -2.48 7.74
C VAL A 249 10.11 -3.87 7.13
N VAL A 250 9.01 -4.59 7.35
CA VAL A 250 8.84 -5.96 6.90
C VAL A 250 8.04 -6.02 5.60
N LEU A 251 6.97 -5.25 5.50
CA LEU A 251 6.24 -5.08 4.26
C LEU A 251 7.05 -4.20 3.31
N PRO A 252 6.72 -4.19 2.02
CA PRO A 252 7.45 -3.32 1.08
C PRO A 252 7.39 -1.86 1.51
N THR A 253 8.53 -1.18 1.42
CA THR A 253 8.60 0.21 1.84
C THR A 253 7.55 1.07 1.15
N ALA A 254 7.14 0.68 -0.06
CA ALA A 254 6.16 1.43 -0.85
C ALA A 254 4.72 1.11 -0.48
N HIS A 255 4.49 0.15 0.41
CA HIS A 255 3.14 -0.13 0.90
C HIS A 255 2.76 0.92 1.93
N ASN A 256 1.53 1.45 1.82
CA ASN A 256 1.07 2.53 2.69
C ASN A 256 1.25 2.19 4.17
N PHE A 257 0.95 0.93 4.54
CA PHE A 257 1.05 0.46 5.93
C PHE A 257 2.46 0.65 6.49
N ALA A 258 3.45 0.18 5.74
CA ALA A 258 4.84 0.26 6.19
C ALA A 258 5.46 1.63 5.93
N LEU A 259 4.87 2.42 5.04
CA LEU A 259 5.39 3.75 4.75
C LEU A 259 4.86 4.79 5.71
N ALA A 260 3.60 4.71 6.09
CA ALA A 260 2.99 5.86 6.75
C ALA A 260 1.96 5.56 7.84
N CYS A 261 1.81 4.33 8.31
CA CYS A 261 0.74 4.02 9.27
C CYS A 261 1.27 3.34 10.54
N PRO A 262 2.22 3.95 11.25
CA PRO A 262 3.00 5.17 11.01
C PRO A 262 4.18 4.90 10.07
N GLY A 263 4.60 3.63 10.03
CA GLY A 263 5.62 3.22 9.09
C GLY A 263 6.93 3.95 9.30
N LEU A 264 7.76 3.92 8.26
CA LEU A 264 9.07 4.53 8.37
C LEU A 264 8.98 6.06 8.41
N LEU A 265 8.00 6.65 7.74
CA LEU A 265 7.89 8.10 7.78
C LEU A 265 7.58 8.60 9.19
N GLY A 266 6.74 7.87 9.92
CA GLY A 266 6.45 8.22 11.30
C GLY A 266 7.64 8.03 12.21
N THR A 267 8.43 7.00 11.95
CA THR A 267 9.64 6.75 12.73
C THR A 267 10.64 7.89 12.52
N LEU A 268 10.86 8.28 11.27
CA LEU A 268 11.78 9.37 10.97
C LEU A 268 11.24 10.72 11.48
N MET A 269 9.93 10.95 11.37
CA MET A 269 9.36 12.19 11.90
C MET A 269 9.67 12.36 13.38
N VAL A 270 9.47 11.30 14.17
CA VAL A 270 9.68 11.40 15.62
C VAL A 270 11.13 11.17 16.03
N GLY A 271 12.01 10.80 15.10
CA GLY A 271 13.40 10.62 15.45
C GLY A 271 13.80 9.24 15.92
N GLY A 272 13.04 8.21 15.58
CA GLY A 272 13.43 6.85 15.90
C GLY A 272 14.39 6.29 14.87
N THR A 273 14.50 4.96 14.86
CA THR A 273 15.38 4.24 13.95
C THR A 273 14.60 3.28 13.08
N VAL A 274 14.78 3.42 11.76
CA VAL A 274 14.16 2.55 10.76
C VAL A 274 15.14 1.45 10.38
N VAL A 275 14.70 0.20 10.49
CA VAL A 275 15.50 -0.97 10.15
C VAL A 275 14.82 -1.71 9.00
N LEU A 276 15.56 -1.94 7.92
CA LEU A 276 15.00 -2.51 6.71
C LEU A 276 15.26 -4.02 6.67
N ALA A 277 14.20 -4.79 6.63
CA ALA A 277 14.19 -6.25 6.47
C ALA A 277 14.04 -6.61 5.00
N PRO A 278 14.83 -7.56 4.51
CA PRO A 278 14.76 -7.91 3.10
C PRO A 278 13.59 -8.82 2.78
N THR A 279 13.19 -9.66 3.73
CA THR A 279 12.00 -10.49 3.61
C THR A 279 11.32 -10.58 4.97
N PRO A 280 10.05 -11.01 5.01
CA PRO A 280 9.40 -11.25 6.29
C PRO A 280 9.69 -12.61 6.92
N SER A 281 10.56 -13.41 6.33
CA SER A 281 10.84 -14.73 6.89
C SER A 281 11.45 -14.58 8.27
N PRO A 282 11.14 -15.52 9.19
CA PRO A 282 11.76 -15.47 10.51
C PRO A 282 13.27 -15.49 10.45
N GLU A 283 13.84 -16.15 9.45
CA GLU A 283 15.28 -16.15 9.29
C GLU A 283 15.83 -14.74 9.19
N ASP A 284 15.17 -13.89 8.40
CA ASP A 284 15.62 -12.52 8.25
C ASP A 284 15.11 -11.63 9.38
N ALA A 285 13.82 -11.70 9.68
CA ALA A 285 13.20 -10.73 10.58
C ALA A 285 13.60 -10.96 12.03
N PHE A 286 13.63 -12.22 12.49
CA PHE A 286 13.98 -12.48 13.88
C PHE A 286 15.42 -12.09 14.19
N GLU A 287 16.33 -12.25 13.23
CA GLU A 287 17.71 -11.85 13.45
C GLU A 287 17.85 -10.35 13.58
N LEU A 288 17.11 -9.59 12.76
CA LEU A 288 17.16 -8.13 12.84
C LEU A 288 16.51 -7.61 14.12
N ILE A 289 15.44 -8.26 14.56
CA ILE A 289 14.78 -7.85 15.80
C ILE A 289 15.73 -8.00 16.97
N GLU A 290 16.42 -9.13 17.05
CA GLU A 290 17.41 -9.31 18.11
C GLU A 290 18.59 -8.38 17.90
N ARG A 291 19.09 -8.29 16.67
CA ARG A 291 20.32 -7.54 16.42
C ARG A 291 20.13 -6.05 16.68
N GLU A 292 19.02 -5.49 16.22
CA GLU A 292 18.78 -4.05 16.28
C GLU A 292 17.85 -3.65 17.42
N LYS A 293 17.34 -4.60 18.20
CA LYS A 293 16.40 -4.35 19.30
C LYS A 293 15.18 -3.58 18.79
N VAL A 294 14.54 -4.20 17.80
CA VAL A 294 13.33 -3.66 17.19
C VAL A 294 12.23 -3.59 18.23
N THR A 295 11.54 -2.45 18.31
CA THR A 295 10.43 -2.29 19.24
C THR A 295 9.06 -2.35 18.57
N ALA A 296 8.98 -2.11 17.26
CA ALA A 296 7.69 -2.07 16.57
C ALA A 296 7.85 -2.60 15.16
N THR A 297 6.78 -3.20 14.64
CA THR A 297 6.73 -3.61 13.24
C THR A 297 5.27 -3.84 12.84
N ALA A 298 5.04 -3.95 11.53
CA ALA A 298 3.72 -4.17 10.96
C ALA A 298 3.77 -5.33 9.98
N VAL A 299 2.74 -6.18 10.02
CA VAL A 299 2.67 -7.38 9.18
C VAL A 299 1.23 -7.61 8.75
N VAL A 300 1.06 -8.47 7.74
CA VAL A 300 -0.23 -8.97 7.30
C VAL A 300 -0.50 -10.29 8.04
N PRO A 301 -1.76 -10.73 8.16
CA PRO A 301 -2.05 -11.90 9.00
C PRO A 301 -1.27 -13.15 8.64
N PRO A 302 -1.05 -13.47 7.35
CA PRO A 302 -0.26 -14.69 7.06
C PRO A 302 1.15 -14.68 7.64
N VAL A 303 1.80 -13.51 7.69
CA VAL A 303 3.11 -13.40 8.31
C VAL A 303 3.00 -13.48 9.83
N ALA A 304 1.94 -12.91 10.41
CA ALA A 304 1.70 -13.04 11.84
C ALA A 304 1.58 -14.51 12.24
N LEU A 305 0.78 -15.28 11.51
CA LEU A 305 0.65 -16.71 11.79
C LEU A 305 1.99 -17.42 11.69
N LEU A 306 2.78 -17.10 10.67
CA LEU A 306 4.10 -17.69 10.53
C LEU A 306 4.99 -17.37 11.73
N TRP A 307 5.07 -16.10 12.13
CA TRP A 307 5.91 -15.74 13.27
C TRP A 307 5.40 -16.39 14.55
N LEU A 308 4.08 -16.44 14.71
CA LEU A 308 3.49 -17.09 15.88
C LEU A 308 3.85 -18.57 15.94
N ASP A 309 3.94 -19.22 14.77
CA ASP A 309 4.41 -20.60 14.71
C ASP A 309 5.91 -20.68 14.99
N ALA A 310 6.70 -19.85 14.31
CA ALA A 310 8.16 -20.02 14.26
C ALA A 310 8.84 -19.82 15.61
N VAL A 311 8.21 -19.13 16.57
CA VAL A 311 8.87 -18.89 17.85
C VAL A 311 9.03 -20.18 18.63
N GLU A 312 8.29 -21.23 18.27
CA GLU A 312 8.43 -22.51 18.93
C GLU A 312 9.62 -23.31 18.43
N TRP A 313 10.26 -22.90 17.33
CA TRP A 313 11.50 -23.53 16.91
C TRP A 313 12.61 -22.56 16.57
N GLU A 314 12.42 -21.27 16.74
CA GLU A 314 13.50 -20.31 16.56
C GLU A 314 14.01 -19.88 17.92
N ASP A 315 15.31 -19.60 17.99
CA ASP A 315 15.94 -19.26 19.26
C ASP A 315 16.19 -17.76 19.43
N ALA A 316 15.83 -16.94 18.44
CA ALA A 316 16.11 -15.52 18.51
C ALA A 316 15.48 -14.87 19.73
N ASP A 317 16.17 -13.90 20.30
CA ASP A 317 15.65 -13.10 21.42
C ASP A 317 14.81 -11.96 20.85
N LEU A 318 13.48 -12.08 20.95
CA LEU A 318 12.55 -11.07 20.45
C LEU A 318 11.99 -10.17 21.55
N SER A 319 12.64 -10.16 22.71
CA SER A 319 12.13 -9.45 23.88
C SER A 319 11.94 -7.95 23.64
N SER A 320 12.78 -7.34 22.80
CA SER A 320 12.68 -5.90 22.59
C SER A 320 11.36 -5.48 21.96
N LEU A 321 10.67 -6.38 21.28
CA LEU A 321 9.39 -6.07 20.65
C LEU A 321 8.37 -5.57 21.66
N ARG A 322 7.81 -4.41 21.38
CA ARG A 322 6.71 -3.87 22.17
C ARG A 322 5.40 -3.82 21.41
N LEU A 323 5.43 -3.66 20.09
CA LEU A 323 4.21 -3.42 19.32
C LEU A 323 4.25 -4.21 18.02
N LEU A 324 3.20 -5.01 17.80
CA LEU A 324 2.98 -5.73 16.55
C LEU A 324 1.69 -5.25 15.90
N GLN A 325 1.80 -4.50 14.80
CA GLN A 325 0.63 -4.09 14.04
C GLN A 325 0.30 -5.16 13.01
N VAL A 326 -0.97 -5.53 12.92
CA VAL A 326 -1.40 -6.55 11.97
C VAL A 326 -2.60 -6.01 11.19
N GLY A 327 -2.46 -5.96 9.87
CA GLY A 327 -3.47 -5.36 9.03
C GLY A 327 -3.37 -5.83 7.60
N GLY A 328 -4.21 -5.24 6.74
CA GLY A 328 -4.27 -5.65 5.35
C GLY A 328 -5.40 -6.62 5.08
N SER A 329 -5.60 -7.57 6.00
CA SER A 329 -6.80 -8.38 6.06
C SER A 329 -7.05 -8.67 7.53
N LYS A 330 -8.17 -9.32 7.82
CA LYS A 330 -8.64 -9.43 9.20
C LYS A 330 -7.87 -10.50 9.96
N LEU A 331 -7.33 -10.15 11.13
CA LEU A 331 -6.68 -11.14 11.97
C LEU A 331 -7.71 -11.83 12.84
N GLY A 332 -7.68 -13.16 12.85
CA GLY A 332 -8.65 -13.93 13.61
C GLY A 332 -8.49 -13.74 15.10
N ALA A 333 -9.61 -13.89 15.82
CA ALA A 333 -9.60 -13.68 17.27
C ALA A 333 -8.68 -14.68 17.97
N GLU A 334 -8.62 -15.92 17.47
CA GLU A 334 -7.79 -16.94 18.13
C GLU A 334 -6.30 -16.65 18.01
N PRO A 335 -5.73 -16.43 16.83
CA PRO A 335 -4.31 -16.03 16.80
C PRO A 335 -4.05 -14.68 17.44
N ALA A 336 -5.02 -13.76 17.42
CA ALA A 336 -4.81 -12.46 18.03
C ALA A 336 -4.59 -12.60 19.53
N ALA A 337 -5.32 -13.52 20.16
CA ALA A 337 -5.13 -13.79 21.57
C ALA A 337 -3.76 -14.38 21.87
N ARG A 338 -3.12 -15.02 20.88
CA ARG A 338 -1.82 -15.67 21.02
C ARG A 338 -0.64 -14.71 20.97
N VAL A 339 -0.86 -13.44 20.60
CA VAL A 339 0.26 -12.57 20.29
C VAL A 339 1.07 -12.26 21.55
N ARG A 340 0.37 -11.93 22.65
CA ARG A 340 1.10 -11.66 23.90
C ARG A 340 1.79 -12.90 24.45
N PRO A 341 1.13 -14.05 24.61
CA PRO A 341 1.86 -15.24 25.08
C PRO A 341 3.06 -15.60 24.23
N ALA A 342 2.88 -15.68 22.90
CA ALA A 342 3.92 -16.22 22.03
C ALA A 342 5.02 -15.22 21.71
N LEU A 343 4.66 -13.96 21.45
CA LEU A 343 5.61 -12.97 20.99
C LEU A 343 5.94 -11.93 22.03
N GLY A 344 5.27 -11.93 23.18
CA GLY A 344 5.60 -11.02 24.25
C GLY A 344 5.41 -9.55 23.98
N CYS A 345 4.45 -9.18 23.14
CA CYS A 345 4.27 -7.78 22.77
C CYS A 345 2.78 -7.48 22.72
N THR A 346 2.48 -6.21 22.48
CA THR A 346 1.12 -5.73 22.37
C THR A 346 0.67 -5.81 20.91
N LEU A 347 -0.50 -6.39 20.67
CA LEU A 347 -1.06 -6.40 19.33
C LEU A 347 -1.85 -5.12 19.08
N GLN A 348 -1.74 -4.59 17.86
CA GLN A 348 -2.61 -3.53 17.38
C GLN A 348 -3.18 -3.92 16.02
N GLN A 349 -4.50 -4.03 15.96
CA GLN A 349 -5.18 -4.31 14.70
C GLN A 349 -5.36 -3.01 13.94
N VAL A 350 -5.04 -3.04 12.66
CA VAL A 350 -5.10 -1.88 11.80
C VAL A 350 -5.97 -2.23 10.59
N PHE A 351 -7.11 -1.60 10.49
CA PHE A 351 -8.01 -1.71 9.35
C PHE A 351 -7.90 -0.36 8.64
N GLY A 352 -7.07 -0.32 7.60
CA GLY A 352 -6.83 0.91 6.87
C GLY A 352 -6.83 0.67 5.37
N MET A 353 -6.56 1.73 4.63
CA MET A 353 -6.56 1.66 3.18
C MET A 353 -5.68 2.76 2.63
N ALA A 354 -5.08 2.50 1.47
CA ALA A 354 -4.29 3.52 0.81
C ALA A 354 -5.15 4.71 0.42
N GLU A 355 -6.46 4.50 0.24
CA GLU A 355 -7.38 5.60 -0.09
C GLU A 355 -7.51 6.61 1.04
N GLY A 356 -7.25 6.20 2.28
CA GLY A 356 -7.25 7.09 3.42
C GLY A 356 -7.53 6.41 4.75
N LEU A 357 -8.80 6.36 5.13
CA LEU A 357 -9.26 6.06 6.48
C LEU A 357 -8.49 4.95 7.17
N LEU A 358 -7.98 5.25 8.35
CA LEU A 358 -7.30 4.28 9.20
C LEU A 358 -8.09 4.06 10.48
N ASN A 359 -8.29 2.80 10.80
CA ASN A 359 -8.85 2.40 12.08
C ASN A 359 -7.77 1.67 12.85
N TYR A 360 -7.58 2.06 14.11
CA TYR A 360 -6.57 1.49 14.97
C TYR A 360 -7.23 1.04 16.26
N THR A 361 -6.87 -0.14 16.76
CA THR A 361 -7.11 -0.39 18.17
C THR A 361 -6.09 0.41 18.96
N ARG A 362 -6.47 0.86 20.14
CA ARG A 362 -5.57 1.68 20.92
C ARG A 362 -4.71 0.79 21.79
N LEU A 363 -3.50 1.26 22.10
CA LEU A 363 -2.50 0.41 22.73
C LEU A 363 -2.92 -0.05 24.12
N ASP A 364 -3.75 0.72 24.80
CA ASP A 364 -4.29 0.33 26.10
C ASP A 364 -5.78 0.00 26.04
N ASP A 365 -6.32 -0.28 24.84
CA ASP A 365 -7.66 -0.84 24.77
C ASP A 365 -7.69 -2.12 25.60
N PRO A 366 -8.83 -2.44 26.22
CA PRO A 366 -8.96 -3.75 26.83
C PRO A 366 -8.61 -4.84 25.82
N SER A 367 -8.02 -5.92 26.33
CA SER A 367 -7.59 -7.00 25.46
C SER A 367 -8.74 -7.57 24.65
N ASP A 368 -9.95 -7.56 25.20
CA ASP A 368 -11.14 -7.97 24.46
C ASP A 368 -11.28 -7.21 23.14
N LEU A 369 -11.04 -5.90 23.17
CA LEU A 369 -11.24 -5.11 21.95
C LEU A 369 -10.07 -5.24 20.99
N VAL A 370 -8.87 -5.49 21.50
CA VAL A 370 -7.73 -5.76 20.62
C VAL A 370 -7.92 -7.10 19.91
N ILE A 371 -8.52 -8.07 20.59
CA ILE A 371 -8.71 -9.41 20.03
C ILE A 371 -9.88 -9.44 19.05
N GLN A 372 -10.97 -8.75 19.37
CA GLN A 372 -12.23 -8.96 18.66
C GLN A 372 -12.55 -7.88 17.64
N THR A 373 -11.85 -6.76 17.60
CA THR A 373 -12.22 -5.64 16.73
C THR A 373 -11.05 -5.20 15.86
N GLN A 374 -11.38 -4.43 14.83
CA GLN A 374 -10.38 -3.91 13.91
C GLN A 374 -10.16 -2.41 14.13
N GLY A 375 -10.40 -1.93 15.33
CA GLY A 375 -10.06 -0.58 15.73
C GLY A 375 -11.16 0.44 15.49
N ARG A 376 -10.82 1.69 15.78
CA ARG A 376 -11.71 2.82 15.59
C ARG A 376 -10.94 3.92 14.88
N PRO A 377 -11.64 4.88 14.26
CA PRO A 377 -10.97 5.78 13.32
C PRO A 377 -9.87 6.61 13.96
N LEU A 378 -8.89 6.96 13.14
CA LEU A 378 -7.74 7.72 13.60
C LEU A 378 -8.12 9.16 13.99
N SER A 379 -8.91 9.84 13.15
CA SER A 379 -9.17 11.27 13.35
C SER A 379 -10.52 11.55 14.00
N PRO A 380 -10.59 12.54 14.89
CA PRO A 380 -11.92 13.05 15.30
C PRO A 380 -12.81 13.41 14.13
N ASP A 381 -12.24 13.81 13.00
CA ASP A 381 -13.05 14.24 11.88
C ASP A 381 -13.09 13.23 10.75
N ASP A 382 -12.68 11.98 11.02
CA ASP A 382 -13.09 10.87 10.17
C ASP A 382 -14.59 10.68 10.33
N GLU A 383 -15.32 10.74 9.22
CA GLU A 383 -16.76 10.53 9.25
C GLU A 383 -17.10 9.18 8.66
N ILE A 384 -17.98 8.46 9.34
CA ILE A 384 -18.29 7.06 9.05
C ILE A 384 -19.77 6.93 8.80
N ARG A 385 -20.14 6.31 7.69
CA ARG A 385 -21.50 5.87 7.46
C ARG A 385 -21.47 4.37 7.19
N VAL A 386 -22.51 3.68 7.62
CA VAL A 386 -22.70 2.26 7.31
C VAL A 386 -24.11 2.13 6.73
N VAL A 387 -24.19 1.73 5.47
CA VAL A 387 -25.43 1.82 4.70
C VAL A 387 -25.81 0.44 4.18
N ASP A 388 -27.12 0.27 3.93
CA ASP A 388 -27.59 -0.96 3.35
C ASP A 388 -27.52 -0.85 1.82
N GLU A 389 -28.14 -1.80 1.14
CA GLU A 389 -28.06 -1.88 -0.31
C GLU A 389 -28.83 -0.76 -0.99
N ASP A 390 -29.76 -0.13 -0.29
CA ASP A 390 -30.48 1.03 -0.78
C ASP A 390 -29.81 2.34 -0.39
N GLY A 391 -28.54 2.30 0.00
CA GLY A 391 -27.82 3.48 0.43
C GLY A 391 -28.33 4.13 1.69
N ARG A 392 -29.15 3.43 2.46
CA ARG A 392 -29.76 3.95 3.68
C ARG A 392 -28.97 3.49 4.89
N ASP A 393 -28.78 4.39 5.84
CA ASP A 393 -28.05 4.05 7.07
C ASP A 393 -28.71 2.85 7.75
N VAL A 394 -27.88 1.99 8.32
CA VAL A 394 -28.36 0.80 8.99
C VAL A 394 -28.70 1.15 10.45
N ALA A 395 -29.49 0.29 11.06
CA ALA A 395 -29.71 0.39 12.50
C ALA A 395 -28.39 0.17 13.24
N PRO A 396 -28.22 0.79 14.41
CA PRO A 396 -26.93 0.72 15.11
C PRO A 396 -26.50 -0.71 15.41
N GLY A 397 -25.27 -1.04 15.03
CA GLY A 397 -24.74 -2.38 15.20
C GLY A 397 -25.11 -3.38 14.13
N GLU A 398 -25.84 -2.98 13.09
CA GLU A 398 -26.10 -3.87 11.98
C GLU A 398 -24.94 -3.83 10.99
N THR A 399 -24.89 -4.84 10.12
CA THR A 399 -23.83 -4.95 9.12
C THR A 399 -24.24 -4.27 7.82
N GLY A 400 -23.39 -3.36 7.34
CA GLY A 400 -23.57 -2.73 6.05
C GLY A 400 -22.26 -2.25 5.47
N GLU A 401 -22.35 -1.56 4.33
CA GLU A 401 -21.14 -1.12 3.66
C GLU A 401 -20.63 0.17 4.27
N LEU A 402 -19.33 0.23 4.49
CA LEU A 402 -18.68 1.38 5.10
C LEU A 402 -18.41 2.44 4.05
N LEU A 403 -18.90 3.66 4.31
CA LEU A 403 -18.58 4.85 3.55
C LEU A 403 -17.87 5.81 4.49
N THR A 404 -16.89 6.55 3.97
CA THR A 404 -16.09 7.38 4.85
C THR A 404 -15.67 8.65 4.14
N ARG A 405 -15.44 9.68 4.94
CA ARG A 405 -15.01 11.00 4.50
C ARG A 405 -14.15 11.57 5.63
N GLY A 406 -13.05 12.24 5.30
CA GLY A 406 -12.21 12.79 6.33
C GLY A 406 -11.00 13.53 5.82
N PRO A 407 -10.14 13.98 6.74
CA PRO A 407 -9.03 14.87 6.36
C PRO A 407 -7.84 14.20 5.68
N TYR A 408 -7.86 12.90 5.44
CA TYR A 408 -6.80 12.25 4.69
C TYR A 408 -7.36 11.17 3.77
N THR A 409 -8.66 11.14 3.56
CA THR A 409 -9.32 10.25 2.62
C THR A 409 -9.60 11.04 1.33
N LEU A 410 -9.34 10.40 0.19
CA LEU A 410 -9.40 11.09 -1.09
C LEU A 410 -10.85 11.39 -1.50
N ARG A 411 -11.01 12.44 -2.30
CA ARG A 411 -12.29 12.73 -2.93
C ARG A 411 -12.38 12.19 -4.35
N GLY A 412 -11.27 11.69 -4.89
CA GLY A 412 -11.30 11.01 -6.17
C GLY A 412 -9.99 10.37 -6.55
N TYR A 413 -10.03 9.31 -7.35
CA TYR A 413 -8.81 8.72 -7.87
C TYR A 413 -8.21 9.62 -8.94
N TYR A 414 -6.91 9.47 -9.15
CA TYR A 414 -6.18 10.29 -10.10
C TYR A 414 -6.55 9.91 -11.52
N ARG A 415 -7.12 10.85 -12.27
CA ARG A 415 -7.41 10.70 -13.70
C ARG A 415 -8.34 9.52 -13.96
N ALA A 416 -9.38 9.39 -13.14
CA ALA A 416 -10.31 8.27 -13.23
C ALA A 416 -11.75 8.76 -13.06
N PRO A 417 -12.21 9.64 -13.96
CA PRO A 417 -13.50 10.29 -13.73
C PRO A 417 -14.67 9.33 -13.76
N GLU A 418 -14.65 8.30 -14.60
CA GLU A 418 -15.77 7.39 -14.66
C GLU A 418 -15.87 6.55 -13.39
N HIS A 419 -14.73 6.07 -12.90
CA HIS A 419 -14.74 5.33 -11.65
C HIS A 419 -15.05 6.25 -10.47
N ASN A 420 -14.63 7.52 -10.54
CA ASN A 420 -14.95 8.47 -9.48
C ASN A 420 -16.46 8.69 -9.39
N ALA A 421 -17.14 8.78 -10.54
CA ALA A 421 -18.59 8.93 -10.52
C ALA A 421 -19.30 7.74 -9.89
N ARG A 422 -18.69 6.55 -9.92
CA ARG A 422 -19.29 5.38 -9.32
C ARG A 422 -18.92 5.17 -7.86
N THR A 423 -17.78 5.69 -7.43
CA THR A 423 -17.16 5.26 -6.18
C THR A 423 -17.31 6.28 -5.05
N PHE A 424 -17.69 7.51 -5.35
CA PHE A 424 -17.89 8.54 -4.34
C PHE A 424 -19.32 9.07 -4.41
N SER A 425 -19.93 9.28 -3.24
CA SER A 425 -21.28 9.82 -3.22
C SER A 425 -21.24 11.30 -3.57
N ASP A 426 -22.43 11.83 -3.87
CA ASP A 426 -22.55 13.24 -4.25
C ASP A 426 -21.93 14.17 -3.21
N ASP A 427 -22.06 13.84 -1.92
CA ASP A 427 -21.47 14.66 -0.86
C ASP A 427 -20.06 14.24 -0.49
N GLY A 428 -19.41 13.40 -1.31
CA GLY A 428 -18.00 13.13 -1.15
C GLY A 428 -17.62 11.97 -0.27
N PHE A 429 -18.56 11.08 0.05
CA PHE A 429 -18.21 9.89 0.81
C PHE A 429 -17.60 8.84 -0.10
N TYR A 430 -16.41 8.36 0.26
CA TYR A 430 -15.77 7.25 -0.45
C TYR A 430 -16.41 5.93 -0.04
N ARG A 431 -16.82 5.13 -1.03
CA ARG A 431 -17.41 3.82 -0.81
C ARG A 431 -16.29 2.78 -0.71
N THR A 432 -16.03 2.31 0.50
CA THR A 432 -14.88 1.43 0.73
C THR A 432 -15.07 0.05 0.12
N GLY A 433 -16.32 -0.40 0.00
CA GLY A 433 -16.57 -1.77 -0.39
C GLY A 433 -16.39 -2.79 0.72
N ASP A 434 -16.11 -2.36 1.93
CA ASP A 434 -16.01 -3.26 3.07
C ASP A 434 -17.34 -3.29 3.81
N LEU A 435 -17.69 -4.46 4.32
CA LEU A 435 -18.88 -4.65 5.15
C LEU A 435 -18.45 -4.72 6.61
N VAL A 436 -19.06 -3.86 7.44
CA VAL A 436 -18.65 -3.69 8.83
C VAL A 436 -19.86 -3.58 9.74
N ARG A 437 -19.60 -3.75 11.04
CA ARG A 437 -20.46 -3.36 12.16
C ARG A 437 -19.72 -2.33 13.00
N VAL A 438 -20.44 -1.35 13.53
CA VAL A 438 -19.85 -0.42 14.49
C VAL A 438 -20.41 -0.74 15.86
N LEU A 439 -19.53 -0.91 16.80
CA LEU A 439 -19.88 -1.27 18.16
C LEU A 439 -20.21 -0.02 18.98
N PRO A 440 -20.86 -0.19 20.14
CA PRO A 440 -21.18 0.99 20.95
C PRO A 440 -19.98 1.86 21.28
N SER A 441 -18.79 1.29 21.45
CA SER A 441 -17.60 2.08 21.76
C SER A 441 -17.02 2.81 20.56
N GLY A 442 -17.53 2.57 19.36
CA GLY A 442 -16.98 3.16 18.16
C GLY A 442 -16.06 2.25 17.37
N HIS A 443 -15.63 1.14 17.95
CA HIS A 443 -14.79 0.17 17.27
C HIS A 443 -15.57 -0.55 16.18
N LEU A 444 -14.87 -0.86 15.08
CA LEU A 444 -15.42 -1.58 13.95
C LEU A 444 -15.03 -3.06 13.97
N VAL A 445 -15.94 -3.89 13.48
CA VAL A 445 -15.67 -5.29 13.18
C VAL A 445 -15.88 -5.48 11.68
N VAL A 446 -14.83 -5.94 10.99
CA VAL A 446 -14.93 -6.19 9.56
C VAL A 446 -15.65 -7.53 9.36
N GLU A 447 -16.74 -7.50 8.58
CA GLU A 447 -17.60 -8.65 8.43
C GLU A 447 -17.54 -9.29 7.05
N GLY A 448 -17.04 -8.59 6.05
CA GLY A 448 -16.97 -9.16 4.71
C GLY A 448 -16.67 -8.06 3.71
N ARG A 449 -17.04 -8.31 2.46
CA ARG A 449 -16.80 -7.33 1.42
C ARG A 449 -17.96 -7.29 0.44
N ALA A 450 -18.23 -6.08 -0.05
CA ALA A 450 -19.14 -5.88 -1.17
C ALA A 450 -18.42 -5.72 -2.49
N LYS A 451 -17.19 -5.21 -2.46
CA LYS A 451 -16.43 -4.97 -3.67
C LYS A 451 -15.94 -6.28 -4.28
N ASP A 452 -15.82 -6.27 -5.61
CA ASP A 452 -15.40 -7.44 -6.38
C ASP A 452 -13.88 -7.45 -6.49
N GLN A 453 -13.25 -7.76 -5.35
CA GLN A 453 -11.80 -7.70 -5.20
C GLN A 453 -11.40 -8.79 -4.22
N ILE A 454 -10.51 -9.67 -4.62
CA ILE A 454 -10.08 -10.76 -3.75
C ILE A 454 -8.92 -10.29 -2.90
N ASN A 455 -8.96 -10.62 -1.60
CA ASN A 455 -7.94 -10.22 -0.63
C ASN A 455 -7.14 -11.46 -0.27
N ARG A 456 -6.02 -11.67 -0.98
CA ARG A 456 -5.24 -12.90 -0.91
C ARG A 456 -4.03 -12.65 -0.03
N GLY A 457 -4.19 -12.90 1.28
CA GLY A 457 -3.12 -12.67 2.22
C GLY A 457 -2.75 -11.21 2.40
N GLY A 458 -3.67 -10.29 2.17
CA GLY A 458 -3.37 -8.88 2.16
C GLY A 458 -3.16 -8.30 0.78
N ASP A 459 -2.89 -9.15 -0.22
CA ASP A 459 -2.71 -8.69 -1.59
C ASP A 459 -4.07 -8.60 -2.28
N LYS A 460 -4.33 -7.47 -2.93
CA LYS A 460 -5.63 -7.17 -3.51
C LYS A 460 -5.65 -7.52 -5.00
N ILE A 461 -6.66 -8.28 -5.41
CA ILE A 461 -6.80 -8.69 -6.79
C ILE A 461 -8.13 -8.15 -7.30
N SER A 462 -8.05 -7.15 -8.17
CA SER A 462 -9.24 -6.71 -8.87
C SER A 462 -9.72 -7.83 -9.80
N ALA A 463 -10.93 -8.35 -9.53
CA ALA A 463 -11.42 -9.47 -10.31
C ALA A 463 -11.61 -9.08 -11.77
N GLU A 464 -12.10 -7.88 -12.03
CA GLU A 464 -12.37 -7.48 -13.40
C GLU A 464 -11.06 -7.34 -14.20
N GLU A 465 -10.01 -6.82 -13.58
CA GLU A 465 -8.71 -6.74 -14.24
C GLU A 465 -8.18 -8.12 -14.59
N LEU A 466 -8.23 -9.05 -13.62
CA LEU A 466 -7.73 -10.40 -13.86
C LEU A 466 -8.56 -11.12 -14.91
N GLU A 467 -9.89 -10.90 -14.89
CA GLU A 467 -10.77 -11.54 -15.86
C GLU A 467 -10.44 -11.10 -17.28
N ASN A 468 -10.14 -9.82 -17.48
CA ASN A 468 -9.79 -9.33 -18.80
C ASN A 468 -8.48 -9.96 -19.29
N HIS A 469 -7.49 -10.09 -18.40
CA HIS A 469 -6.26 -10.78 -18.75
C HIS A 469 -6.54 -12.23 -19.17
N ILE A 470 -7.35 -12.94 -18.40
CA ILE A 470 -7.59 -14.35 -18.67
C ILE A 470 -8.33 -14.54 -19.99
N MET A 471 -9.34 -13.70 -20.24
CA MET A 471 -10.12 -13.81 -21.46
C MET A 471 -9.29 -13.52 -22.71
N ALA A 472 -8.12 -12.91 -22.54
CA ALA A 472 -7.19 -12.75 -23.65
C ALA A 472 -6.57 -14.07 -24.07
N HIS A 473 -6.57 -15.08 -23.22
CA HIS A 473 -6.07 -16.39 -23.59
C HIS A 473 -6.96 -16.99 -24.67
N PRO A 474 -6.37 -17.59 -25.72
CA PRO A 474 -7.18 -18.02 -26.88
C PRO A 474 -8.14 -19.16 -26.59
N GLY A 475 -7.92 -19.97 -25.56
CA GLY A 475 -8.91 -20.96 -25.22
C GLY A 475 -10.01 -20.47 -24.30
N VAL A 476 -10.06 -19.18 -23.99
CA VAL A 476 -11.03 -18.63 -23.05
C VAL A 476 -11.98 -17.70 -23.79
N HIS A 477 -13.27 -17.90 -23.59
CA HIS A 477 -14.31 -17.00 -24.06
C HIS A 477 -14.75 -16.04 -22.96
N ASP A 478 -15.10 -16.56 -21.80
CA ASP A 478 -15.55 -15.76 -20.67
C ASP A 478 -14.82 -16.23 -19.43
N ALA A 479 -14.66 -15.32 -18.47
CA ALA A 479 -13.98 -15.64 -17.22
C ALA A 479 -14.70 -14.93 -16.09
N ALA A 480 -14.86 -15.63 -14.96
CA ALA A 480 -15.38 -15.04 -13.73
C ALA A 480 -14.47 -15.44 -12.58
N VAL A 481 -13.82 -14.48 -11.98
CA VAL A 481 -12.89 -14.75 -10.89
C VAL A 481 -13.62 -14.63 -9.55
N VAL A 482 -13.53 -15.67 -8.73
CA VAL A 482 -14.26 -15.81 -7.47
C VAL A 482 -13.26 -16.05 -6.35
N GLY A 483 -13.52 -15.47 -5.17
CA GLY A 483 -12.73 -15.80 -4.01
C GLY A 483 -13.17 -17.11 -3.37
N MET A 484 -12.21 -17.76 -2.72
CA MET A 484 -12.46 -18.98 -1.97
C MET A 484 -11.88 -18.78 -0.58
N PRO A 485 -12.61 -19.10 0.48
CA PRO A 485 -12.05 -18.95 1.82
C PRO A 485 -10.81 -19.82 2.01
N ASP A 486 -9.83 -19.28 2.73
CA ASP A 486 -8.61 -20.00 3.06
C ASP A 486 -8.24 -19.70 4.50
N ALA A 487 -7.86 -20.75 5.24
CA ALA A 487 -7.70 -20.61 6.68
C ALA A 487 -6.48 -19.79 7.05
N THR A 488 -5.45 -19.74 6.21
CA THR A 488 -4.25 -18.99 6.56
C THR A 488 -3.99 -17.81 5.64
N MET A 489 -4.59 -17.78 4.46
CA MET A 489 -4.50 -16.63 3.58
C MET A 489 -5.78 -15.82 3.48
N GLY A 490 -6.87 -16.27 4.09
CA GLY A 490 -8.11 -15.53 4.01
C GLY A 490 -8.92 -15.85 2.77
N GLU A 491 -8.38 -15.51 1.60
CA GLU A 491 -8.98 -15.86 0.33
C GLU A 491 -7.89 -16.38 -0.61
N ARG A 492 -8.27 -17.34 -1.43
CA ARG A 492 -7.53 -17.71 -2.63
C ARG A 492 -8.39 -17.41 -3.85
N THR A 493 -7.76 -17.46 -5.02
CA THR A 493 -8.35 -17.00 -6.27
C THR A 493 -8.75 -18.20 -7.12
N CYS A 494 -10.03 -18.28 -7.48
CA CYS A 494 -10.52 -19.29 -8.42
C CYS A 494 -10.91 -18.59 -9.72
N ALA A 495 -10.42 -19.11 -10.83
CA ALA A 495 -10.79 -18.62 -12.15
C ALA A 495 -11.82 -19.57 -12.75
N CYS A 496 -13.04 -19.10 -12.92
CA CYS A 496 -14.11 -19.87 -13.56
C CYS A 496 -14.17 -19.49 -15.03
N LEU A 497 -14.01 -20.50 -15.91
CA LEU A 497 -13.79 -20.26 -17.33
C LEU A 497 -14.88 -20.89 -18.17
N VAL A 498 -15.32 -20.15 -19.17
CA VAL A 498 -16.09 -20.68 -20.29
C VAL A 498 -15.13 -20.80 -21.47
N PRO A 499 -14.89 -22.00 -21.99
CA PRO A 499 -13.92 -22.14 -23.09
C PRO A 499 -14.36 -21.47 -24.36
N ARG A 500 -13.37 -20.98 -25.11
CA ARG A 500 -13.60 -20.53 -26.47
C ARG A 500 -14.24 -21.64 -27.27
N ALA A 501 -15.22 -21.27 -28.10
CA ALA A 501 -16.00 -22.24 -28.87
C ALA A 501 -15.09 -23.24 -29.58
N GLY A 502 -15.34 -24.54 -29.34
CA GLY A 502 -14.57 -25.58 -29.99
C GLY A 502 -13.10 -25.62 -29.62
N ARG A 503 -12.73 -25.01 -28.51
CA ARG A 503 -11.35 -25.00 -28.04
C ARG A 503 -11.33 -25.44 -26.58
N SER A 504 -10.16 -25.91 -26.17
CA SER A 504 -9.96 -26.38 -24.82
C SER A 504 -9.38 -25.24 -23.99
N ALA A 505 -10.00 -24.98 -22.83
CA ALA A 505 -9.49 -23.96 -21.95
C ALA A 505 -8.19 -24.44 -21.28
N PRO A 506 -7.31 -23.52 -20.91
CA PRO A 506 -6.05 -23.93 -20.27
C PRO A 506 -6.26 -24.42 -18.84
N ALA A 507 -5.33 -25.26 -18.39
CA ALA A 507 -5.29 -25.67 -17.00
C ALA A 507 -4.55 -24.61 -16.18
N GLN A 508 -4.41 -24.86 -14.87
CA GLN A 508 -3.90 -23.84 -13.97
C GLN A 508 -2.48 -23.42 -14.32
N ARG A 509 -1.58 -24.39 -14.54
CA ARG A 509 -0.19 -24.07 -14.82
C ARG A 509 -0.02 -23.38 -16.17
N GLU A 510 -0.75 -23.82 -17.20
CA GLU A 510 -0.64 -23.14 -18.49
C GLU A 510 -1.19 -21.72 -18.41
N LEU A 511 -2.33 -21.54 -17.74
CA LEU A 511 -2.86 -20.19 -17.59
C LEU A 511 -1.90 -19.31 -16.81
N ALA A 512 -1.25 -19.87 -15.79
CA ALA A 512 -0.30 -19.12 -14.99
C ALA A 512 0.87 -18.65 -15.83
N ALA A 513 1.34 -19.50 -16.75
CA ALA A 513 2.45 -19.12 -17.61
C ALA A 513 2.04 -18.08 -18.63
N PHE A 514 0.83 -18.21 -19.17
CA PHE A 514 0.28 -17.19 -20.06
C PHE A 514 0.21 -15.82 -19.37
N LEU A 515 -0.29 -15.80 -18.13
CA LEU A 515 -0.48 -14.55 -17.42
C LEU A 515 0.85 -13.92 -17.05
N THR A 516 1.83 -14.74 -16.67
CA THR A 516 3.13 -14.20 -16.29
C THR A 516 3.83 -13.56 -17.49
N ASP A 517 3.75 -14.19 -18.66
CA ASP A 517 4.36 -13.61 -19.86
C ASP A 517 3.63 -12.34 -20.27
N ARG A 518 2.33 -12.27 -20.04
CA ARG A 518 1.55 -11.05 -20.26
C ARG A 518 1.92 -9.92 -19.31
N GLY A 519 2.65 -10.21 -18.24
CA GLY A 519 3.09 -9.18 -17.32
C GLY A 519 2.17 -8.96 -16.14
N VAL A 520 1.48 -9.99 -15.71
CA VAL A 520 0.58 -9.92 -14.56
C VAL A 520 1.39 -10.29 -13.32
N ALA A 521 1.26 -9.49 -12.26
CA ALA A 521 1.95 -9.75 -11.00
C ALA A 521 1.60 -11.14 -10.47
N ALA A 522 2.57 -11.75 -9.79
CA ALA A 522 2.45 -13.17 -9.45
C ALA A 522 1.35 -13.44 -8.43
N TYR A 523 1.08 -12.51 -7.51
CA TYR A 523 0.04 -12.75 -6.53
C TYR A 523 -1.35 -12.78 -7.15
N LYS A 524 -1.50 -12.36 -8.40
CA LYS A 524 -2.80 -12.38 -9.05
C LYS A 524 -3.05 -13.65 -9.86
N LEU A 525 -2.10 -14.58 -9.89
CA LEU A 525 -2.29 -15.82 -10.65
C LEU A 525 -3.32 -16.71 -9.93
N PRO A 526 -4.30 -17.26 -10.65
CA PRO A 526 -5.35 -18.06 -9.99
C PRO A 526 -4.77 -19.30 -9.32
N ASP A 527 -5.26 -19.55 -8.11
CA ASP A 527 -4.89 -20.78 -7.41
C ASP A 527 -5.56 -22.01 -8.01
N ARG A 528 -6.70 -21.84 -8.67
CA ARG A 528 -7.51 -22.94 -9.12
C ARG A 528 -8.24 -22.49 -10.38
N VAL A 529 -8.53 -23.44 -11.27
CA VAL A 529 -9.32 -23.16 -12.47
C VAL A 529 -10.49 -24.14 -12.54
N GLU A 530 -11.70 -23.61 -12.75
CA GLU A 530 -12.89 -24.43 -12.93
C GLU A 530 -13.50 -24.08 -14.27
N VAL A 531 -13.81 -25.11 -15.05
CA VAL A 531 -14.34 -24.94 -16.41
C VAL A 531 -15.81 -25.32 -16.41
N MET A 532 -16.62 -24.52 -17.12
CA MET A 532 -18.06 -24.69 -17.16
C MET A 532 -18.57 -24.01 -18.41
N ASP A 533 -19.77 -24.38 -18.85
CA ASP A 533 -20.29 -23.91 -20.12
C ASP A 533 -20.99 -22.57 -20.01
N ALA A 534 -21.49 -22.21 -18.84
CA ALA A 534 -22.15 -20.93 -18.64
C ALA A 534 -22.00 -20.53 -17.18
N PHE A 535 -22.16 -19.24 -16.93
CA PHE A 535 -22.09 -18.62 -15.61
C PHE A 535 -23.49 -18.37 -15.06
N PRO A 536 -23.70 -18.63 -13.78
CA PRO A 536 -24.97 -18.24 -13.15
C PRO A 536 -25.13 -16.73 -13.19
N ARG A 537 -26.30 -16.28 -13.65
CA ARG A 537 -26.59 -14.87 -13.76
C ARG A 537 -27.82 -14.52 -12.91
N THR A 538 -27.78 -13.35 -12.31
CA THR A 538 -28.94 -12.82 -11.62
C THR A 538 -29.95 -12.27 -12.63
N SER A 539 -31.16 -12.04 -12.18
CA SER A 539 -32.05 -11.15 -12.91
C SER A 539 -31.49 -9.73 -12.83
N VAL A 540 -31.33 -9.10 -14.00
CA VAL A 540 -30.54 -7.88 -14.27
C VAL A 540 -29.39 -8.29 -15.18
N GLY A 541 -28.89 -9.52 -15.00
CA GLY A 541 -28.03 -10.14 -15.98
C GLY A 541 -26.56 -10.23 -15.63
N LYS A 542 -26.14 -9.68 -14.49
CA LYS A 542 -24.75 -9.77 -14.09
C LYS A 542 -24.44 -11.16 -13.59
N THR A 543 -23.17 -11.56 -13.71
CA THR A 543 -22.76 -12.89 -13.29
C THR A 543 -22.89 -13.01 -11.77
N ASP A 544 -23.56 -14.06 -11.32
CA ASP A 544 -23.83 -14.24 -9.89
C ASP A 544 -22.61 -14.86 -9.23
N LYS A 545 -21.80 -14.04 -8.57
CA LYS A 545 -20.59 -14.57 -7.97
C LYS A 545 -20.83 -15.15 -6.58
N LYS A 546 -21.92 -14.77 -5.91
CA LYS A 546 -22.32 -15.49 -4.71
C LYS A 546 -22.66 -16.94 -5.04
N GLU A 547 -23.35 -17.15 -6.17
CA GLU A 547 -23.68 -18.50 -6.59
C GLU A 547 -22.46 -19.26 -7.06
N LEU A 548 -21.57 -18.62 -7.83
CA LEU A 548 -20.32 -19.27 -8.22
C LEU A 548 -19.54 -19.75 -7.01
N GLY A 549 -19.49 -18.95 -5.95
CA GLY A 549 -18.90 -19.42 -4.70
C GLY A 549 -19.57 -20.69 -4.17
N ARG A 550 -20.86 -20.88 -4.46
CA ARG A 550 -21.52 -22.12 -4.09
C ARG A 550 -21.29 -23.22 -5.12
N ARG A 551 -21.40 -22.88 -6.41
CA ARG A 551 -21.31 -23.88 -7.46
C ARG A 551 -19.91 -24.48 -7.53
N ILE A 552 -18.90 -23.67 -7.22
CA ILE A 552 -17.50 -24.09 -7.33
C ILE A 552 -17.04 -24.41 -5.91
N ALA A 553 -16.76 -25.68 -5.66
CA ALA A 553 -16.50 -26.19 -4.33
C ALA A 553 -17.65 -25.82 -3.40
#